data_7OZR
#
_entry.id   7OZR
#
_cell.length_a   1.00
_cell.length_b   1.00
_cell.length_c   1.00
_cell.angle_alpha   90.00
_cell.angle_beta   90.00
_cell.angle_gamma   90.00
#
_symmetry.space_group_name_H-M   'P 1'
#
loop_
_entity.id
_entity.type
_entity.pdbx_description
1 polymer Nucleocapsid
2 polymer "RNA (5'-R(P*UP*UP*UP*UP*UP*U)-3')"
#
loop_
_entity_poly.entity_id
_entity_poly.type
_entity_poly.pdbx_seq_one_letter_code
_entity_poly.pdbx_strand_id
1 'polypeptide(L)'
;MSSVLKAFERFTIEQELQDRGEEGSIPPETLKSAVKVFVINTPNPTTRYQMLNFCLRIICSQNARASHRVGALITLFSLP
SAGMQNHIRLADRSPEAQIERCEIDGFEPGTYRLIPNARANLTANEIAAYALLADDLPPTINNGTPYVHADVEGQPCDEI
EQFLDRCYSVLIQAWVMVCKCMTAYDQPAGSADRRFAKYQQQGRLEARYMLQPEAQRLIQTAIRKSLVVRQYLTFELQLA
RRQGLLSNRYYAMVGDIGKYIENSGLTAFFLTLKYALGTKWSPLSLAAFTGELTKLRSLMMLYRDIGEQARYLALLEAPQ
IMDFAPGGYPLIFSYAMGVGTVLDAQMRNYTYARPFLNGYYFQIGVETARRQQGTVDNRVADDLGLTPEQRTEVTQLVDR
LARGRGAGIPGGPVNPFVPPVQQQQPAAVYADIPALEESDDDGDEDGGAGFQNGVQVPAVRQGGQTDFRAQPLQDPIQAQ
LFMPLYPQVSNIPSNQNHQINRIGGLENQDLLRYNENGDSQQDARGEHGNTFPNNPNQNAQLQVGDWDE
;
A
2 'polyribonucleotide' UUUUUU N
#
# COMPACT_ATOMS: atom_id res chain seq x y z
N SER A 3 17.15 -20.64 35.63
CA SER A 3 17.39 -22.02 35.20
C SER A 3 17.73 -22.07 33.72
N VAL A 4 17.43 -23.21 33.09
CA VAL A 4 17.63 -23.33 31.66
C VAL A 4 16.65 -22.47 30.87
N LEU A 5 15.60 -21.97 31.54
CA LEU A 5 14.61 -21.16 30.86
C LEU A 5 15.21 -19.87 30.31
N LYS A 6 16.16 -19.29 31.04
CA LYS A 6 16.89 -18.14 30.52
C LYS A 6 17.58 -18.50 29.22
N ALA A 7 18.23 -19.66 29.18
CA ALA A 7 18.87 -20.12 27.96
C ALA A 7 17.87 -20.29 26.84
N PHE A 8 16.68 -20.82 27.17
CA PHE A 8 15.66 -20.99 26.15
C PHE A 8 15.22 -19.66 25.56
N GLU A 9 15.00 -18.67 26.43
CA GLU A 9 14.55 -17.36 25.97
C GLU A 9 15.60 -16.71 25.07
N ARG A 10 16.84 -16.68 25.54
CA ARG A 10 17.91 -16.11 24.71
C ARG A 10 18.04 -16.87 23.41
N PHE A 11 17.84 -18.19 23.46
CA PHE A 11 17.87 -19.00 22.24
C PHE A 11 16.81 -18.53 21.26
N THR A 12 15.57 -18.41 21.72
CA THR A 12 14.48 -18.08 20.82
C THR A 12 14.68 -16.71 20.22
N ILE A 13 15.19 -15.76 20.99
CA ILE A 13 15.49 -14.45 20.42
C ILE A 13 16.62 -14.56 19.40
N GLU A 14 17.66 -15.33 19.74
CA GLU A 14 18.80 -15.47 18.84
C GLU A 14 18.39 -16.10 17.52
N GLN A 15 17.41 -17.00 17.54
CA GLN A 15 16.87 -17.54 16.30
C GLN A 15 16.32 -16.42 15.43
N GLU A 16 15.90 -15.33 16.04
CA GLU A 16 15.29 -14.22 15.31
C GLU A 16 16.25 -13.08 15.04
N LEU A 17 17.54 -13.25 15.32
CA LEU A 17 18.50 -12.17 15.12
C LEU A 17 19.68 -12.66 14.28
N GLN A 18 19.38 -13.32 13.16
CA GLN A 18 20.44 -13.79 12.26
C GLN A 18 20.81 -12.76 11.21
N ASP A 19 21.07 -11.52 11.62
CA ASP A 19 21.39 -10.42 10.70
C ASP A 19 20.36 -10.29 9.59
N ARG A 20 19.09 -10.35 9.96
CA ARG A 20 17.98 -10.23 9.04
C ARG A 20 17.46 -8.81 8.90
N GLY A 21 17.72 -7.94 9.88
CA GLY A 21 17.07 -6.64 9.92
C GLY A 21 17.64 -5.63 8.95
N GLU A 22 18.89 -5.23 9.14
CA GLU A 22 19.52 -4.20 8.33
C GLU A 22 20.63 -4.84 7.49
N GLU A 23 20.52 -4.67 6.16
CA GLU A 23 21.52 -5.17 5.23
C GLU A 23 21.57 -4.21 4.05
N GLY A 24 22.46 -3.23 4.11
CA GLY A 24 22.61 -2.28 3.02
C GLY A 24 23.58 -2.77 1.96
N SER A 25 23.28 -3.91 1.35
CA SER A 25 24.17 -4.54 0.39
C SER A 25 23.40 -4.85 -0.89
N ILE A 26 24.13 -4.95 -1.99
CA ILE A 26 23.53 -5.22 -3.30
C ILE A 26 23.29 -6.71 -3.43
N PRO A 27 22.40 -7.14 -4.30
CA PRO A 27 22.26 -8.56 -4.59
C PRO A 27 23.19 -8.98 -5.70
N PRO A 28 23.41 -10.27 -5.89
CA PRO A 28 24.13 -10.73 -7.08
C PRO A 28 23.41 -10.26 -8.34
N GLU A 29 24.19 -9.88 -9.34
CA GLU A 29 23.59 -9.29 -10.53
C GLU A 29 22.68 -10.29 -11.23
N THR A 30 21.62 -9.78 -11.83
CA THR A 30 20.58 -10.60 -12.41
C THR A 30 20.19 -9.99 -13.75
N LEU A 31 19.63 -10.83 -14.63
CA LEU A 31 19.09 -10.36 -15.90
C LEU A 31 18.19 -9.16 -15.68
N LYS A 32 18.59 -8.01 -16.19
CA LYS A 32 17.78 -6.81 -16.10
C LYS A 32 16.81 -6.75 -17.28
N SER A 33 16.02 -5.69 -17.31
CA SER A 33 15.06 -5.46 -18.38
C SER A 33 15.34 -4.09 -18.98
N ALA A 34 15.62 -4.05 -20.27
CA ALA A 34 15.74 -2.77 -20.95
C ALA A 34 14.40 -2.04 -20.90
N VAL A 35 14.35 -0.99 -20.08
CA VAL A 35 13.12 -0.23 -19.87
C VAL A 35 13.31 1.17 -20.42
N LYS A 36 12.47 1.53 -21.38
CA LYS A 36 12.58 2.81 -22.08
C LYS A 36 11.70 3.84 -21.38
N VAL A 37 12.32 4.90 -20.90
CA VAL A 37 11.62 5.94 -20.14
C VAL A 37 11.91 7.28 -20.82
N PHE A 38 10.98 8.21 -20.67
CA PHE A 38 11.03 9.49 -21.37
C PHE A 38 10.99 10.63 -20.35
N VAL A 39 11.68 11.73 -20.68
CA VAL A 39 11.83 12.86 -19.77
C VAL A 39 11.40 14.13 -20.48
N ILE A 40 10.78 15.04 -19.73
CA ILE A 40 10.34 16.34 -20.24
C ILE A 40 11.03 17.40 -19.40
N ASN A 41 12.14 17.93 -19.90
CA ASN A 41 12.87 18.94 -19.13
C ASN A 41 12.08 20.24 -19.03
N THR A 42 11.53 20.72 -20.14
CA THR A 42 10.83 22.00 -20.10
C THR A 42 9.55 21.87 -19.30
N PRO A 43 9.07 22.95 -18.68
CA PRO A 43 7.81 22.91 -17.95
C PRO A 43 6.57 23.02 -18.82
N ASN A 44 6.69 22.77 -20.12
CA ASN A 44 5.58 22.99 -21.03
C ASN A 44 4.37 22.17 -20.58
N PRO A 45 3.22 22.79 -20.32
CA PRO A 45 2.08 22.01 -19.85
C PRO A 45 1.44 21.16 -20.92
N THR A 46 1.38 21.63 -22.16
CA THR A 46 0.80 20.82 -23.23
C THR A 46 1.61 19.55 -23.43
N THR A 47 2.94 19.67 -23.39
CA THR A 47 3.79 18.50 -23.54
C THR A 47 3.53 17.47 -22.45
N ARG A 48 3.49 17.92 -21.19
CA ARG A 48 3.27 16.99 -20.10
C ARG A 48 1.86 16.41 -20.14
N TYR A 49 0.88 17.20 -20.56
CA TYR A 49 -0.49 16.69 -20.70
C TYR A 49 -0.53 15.57 -21.73
N GLN A 50 0.08 15.80 -22.89
CA GLN A 50 0.14 14.76 -23.90
C GLN A 50 0.91 13.55 -23.39
N MET A 51 1.95 13.80 -22.60
CA MET A 51 2.70 12.70 -22.00
C MET A 51 1.82 11.87 -21.08
N LEU A 52 1.01 12.54 -20.25
CA LEU A 52 0.11 11.84 -19.35
C LEU A 52 -0.89 10.99 -20.12
N ASN A 53 -1.47 11.59 -21.16
CA ASN A 53 -2.42 10.84 -21.98
C ASN A 53 -1.74 9.64 -22.62
N PHE A 54 -0.52 9.83 -23.13
CA PHE A 54 0.19 8.74 -23.79
C PHE A 54 0.51 7.61 -22.82
N CYS A 55 1.02 7.96 -21.64
CA CYS A 55 1.33 6.93 -20.66
C CYS A 55 0.08 6.17 -20.27
N LEU A 56 -1.03 6.88 -20.06
CA LEU A 56 -2.26 6.19 -19.70
C LEU A 56 -2.71 5.26 -20.84
N ARG A 57 -2.56 5.70 -22.08
CA ARG A 57 -2.82 4.80 -23.20
C ARG A 57 -2.01 3.52 -23.06
N ILE A 58 -0.71 3.67 -22.84
CA ILE A 58 0.17 2.51 -22.78
C ILE A 58 -0.19 1.63 -21.59
N ILE A 59 -0.75 2.22 -20.53
CA ILE A 59 -1.16 1.42 -19.38
C ILE A 59 -2.16 0.36 -19.82
N CYS A 60 -3.10 0.74 -20.66
CA CYS A 60 -4.12 -0.17 -21.15
C CYS A 60 -3.71 -0.86 -22.45
N SER A 61 -2.49 -0.63 -22.94
CA SER A 61 -2.02 -1.30 -24.14
C SER A 61 -2.04 -2.81 -23.94
N GLN A 62 -2.93 -3.49 -24.66
CA GLN A 62 -3.22 -4.89 -24.37
C GLN A 62 -2.04 -5.78 -24.74
N ASN A 63 -1.41 -5.53 -25.89
CA ASN A 63 -0.32 -6.37 -26.36
C ASN A 63 1.05 -5.81 -26.03
N ALA A 64 1.13 -4.77 -25.21
CA ALA A 64 2.40 -4.12 -24.95
C ALA A 64 3.33 -5.03 -24.16
N ARG A 65 4.63 -4.82 -24.38
CA ARG A 65 5.62 -5.52 -23.57
C ARG A 65 5.50 -5.08 -22.12
N ALA A 66 5.75 -6.01 -21.21
CA ALA A 66 5.68 -5.70 -19.78
C ALA A 66 6.58 -4.52 -19.46
N SER A 67 7.81 -4.55 -19.96
CA SER A 67 8.74 -3.45 -19.72
C SER A 67 8.18 -2.14 -20.25
N HIS A 68 7.44 -2.19 -21.35
CA HIS A 68 6.80 -0.97 -21.84
C HIS A 68 5.83 -0.43 -20.80
N ARG A 69 5.05 -1.30 -20.18
CA ARG A 69 4.12 -0.84 -19.15
C ARG A 69 4.88 -0.31 -17.95
N VAL A 70 6.01 -0.94 -17.61
CA VAL A 70 6.81 -0.46 -16.49
C VAL A 70 7.29 0.95 -16.75
N GLY A 71 7.82 1.18 -17.94
CA GLY A 71 8.31 2.51 -18.28
C GLY A 71 7.21 3.54 -18.29
N ALA A 72 6.06 3.19 -18.87
CA ALA A 72 4.94 4.11 -18.88
C ALA A 72 4.51 4.47 -17.47
N LEU A 73 4.46 3.46 -16.58
CA LEU A 73 4.08 3.71 -15.20
C LEU A 73 5.07 4.63 -14.52
N ILE A 74 6.36 4.34 -14.66
CA ILE A 74 7.37 5.15 -13.98
C ILE A 74 7.32 6.58 -14.49
N THR A 75 7.18 6.76 -15.80
CA THR A 75 6.99 8.09 -16.35
C THR A 75 5.80 8.77 -15.69
N LEU A 76 4.65 8.09 -15.69
CA LEU A 76 3.44 8.65 -15.08
C LEU A 76 3.71 9.15 -13.68
N PHE A 77 4.31 8.30 -12.85
CA PHE A 77 4.53 8.68 -11.45
C PHE A 77 5.56 9.79 -11.33
N SER A 78 6.30 10.06 -12.41
CA SER A 78 7.35 11.06 -12.33
C SER A 78 6.97 12.38 -12.99
N LEU A 79 5.86 12.43 -13.72
CA LEU A 79 5.43 13.68 -14.36
C LEU A 79 5.30 14.87 -13.43
N PRO A 80 4.70 14.77 -12.24
CA PRO A 80 4.53 15.99 -11.43
C PRO A 80 5.82 16.68 -11.04
N SER A 81 6.92 15.94 -10.98
CA SER A 81 8.17 16.53 -10.55
C SER A 81 8.61 17.65 -11.47
N ALA A 82 9.18 18.70 -10.88
CA ALA A 82 9.73 19.78 -11.69
C ALA A 82 10.83 19.26 -12.62
N GLY A 83 11.95 18.81 -12.06
CA GLY A 83 13.00 18.24 -12.86
C GLY A 83 12.91 16.73 -12.89
N MET A 84 12.31 16.20 -13.96
CA MET A 84 12.02 14.77 -13.99
C MET A 84 13.29 13.94 -14.10
N GLN A 85 14.39 14.57 -14.50
CA GLN A 85 15.67 13.87 -14.56
C GLN A 85 16.04 13.28 -13.20
N ASN A 86 15.90 14.08 -12.14
CA ASN A 86 16.27 13.63 -10.81
C ASN A 86 15.42 12.44 -10.39
N HIS A 87 14.10 12.53 -10.57
CA HIS A 87 13.23 11.42 -10.17
C HIS A 87 13.52 10.17 -10.96
N ILE A 88 13.73 10.31 -12.27
CA ILE A 88 14.11 9.14 -13.06
C ILE A 88 15.39 8.52 -12.49
N ARG A 89 16.32 9.36 -12.05
CA ARG A 89 17.56 8.83 -11.48
C ARG A 89 17.29 7.97 -10.26
N LEU A 90 16.33 8.38 -9.42
CA LEU A 90 16.09 7.67 -8.17
C LEU A 90 15.63 6.24 -8.41
N ALA A 91 14.81 6.01 -9.43
CA ALA A 91 14.32 4.65 -9.68
C ALA A 91 15.47 3.68 -9.89
N ASP A 92 16.55 4.14 -10.51
CA ASP A 92 17.66 3.26 -10.80
C ASP A 92 18.45 2.90 -9.54
N ARG A 93 18.17 3.53 -8.40
CA ARG A 93 18.93 3.25 -7.19
C ARG A 93 18.64 1.83 -6.70
N SER A 94 17.62 1.20 -7.25
CA SER A 94 17.28 -0.17 -6.88
C SER A 94 17.74 -1.12 -7.96
N PRO A 95 18.01 -2.37 -7.62
CA PRO A 95 18.26 -3.38 -8.64
C PRO A 95 17.02 -3.60 -9.48
N GLU A 96 17.18 -4.44 -10.51
CA GLU A 96 16.14 -4.68 -11.50
C GLU A 96 15.78 -3.40 -12.24
N ALA A 97 16.74 -2.48 -12.36
CA ALA A 97 16.51 -1.20 -13.00
C ALA A 97 17.56 -0.97 -14.08
N GLN A 98 17.12 -0.91 -15.32
CA GLN A 98 18.00 -0.76 -16.48
C GLN A 98 17.44 0.32 -17.39
N ILE A 99 17.17 1.49 -16.80
CA ILE A 99 16.44 2.56 -17.47
C ILE A 99 17.14 3.00 -18.74
N GLU A 100 16.48 2.76 -19.87
CA GLU A 100 16.87 3.36 -21.15
C GLU A 100 16.26 4.75 -21.19
N ARG A 101 16.84 5.64 -20.39
CA ARG A 101 16.26 6.97 -20.23
C ARG A 101 16.35 7.75 -21.53
N CYS A 102 15.19 8.14 -22.04
CA CYS A 102 15.10 8.88 -23.29
C CYS A 102 14.57 10.28 -23.02
N GLU A 103 14.83 11.19 -23.97
CA GLU A 103 14.41 12.58 -23.85
C GLU A 103 13.61 12.95 -25.08
N ILE A 104 12.39 13.43 -24.88
CA ILE A 104 11.54 13.89 -25.97
C ILE A 104 11.06 15.29 -25.62
N ASP A 105 11.43 16.27 -26.45
CA ASP A 105 10.98 17.64 -26.22
C ASP A 105 9.47 17.78 -26.36
N GLY A 106 8.83 16.91 -27.11
CA GLY A 106 7.39 16.96 -27.24
C GLY A 106 6.90 16.09 -28.36
N PHE A 107 5.59 15.88 -28.35
CA PHE A 107 4.94 15.11 -29.41
C PHE A 107 4.93 15.90 -30.71
N GLU A 108 4.93 15.17 -31.82
CA GLU A 108 4.70 15.77 -33.11
C GLU A 108 3.27 16.24 -33.21
N PRO A 109 2.98 17.16 -34.14
CA PRO A 109 1.59 17.57 -34.37
C PRO A 109 0.67 16.42 -34.72
N GLY A 110 1.21 15.23 -34.97
CA GLY A 110 0.36 14.05 -35.09
C GLY A 110 -0.26 13.67 -33.76
N THR A 111 -1.20 12.73 -33.83
CA THR A 111 -1.96 12.29 -32.66
C THR A 111 -1.03 11.95 -31.49
N TYR A 112 -0.13 10.99 -31.68
CA TYR A 112 0.83 10.60 -30.66
C TYR A 112 2.25 10.51 -31.20
N ARG A 113 2.51 11.06 -32.38
CA ARG A 113 3.85 11.01 -32.95
C ARG A 113 4.81 11.81 -32.08
N LEU A 114 6.04 11.32 -31.97
CA LEU A 114 6.99 11.78 -30.96
C LEU A 114 8.20 12.42 -31.62
N ILE A 115 8.84 13.33 -30.91
CA ILE A 115 10.11 13.93 -31.34
C ILE A 115 11.17 13.61 -30.28
N PRO A 116 12.09 12.70 -30.56
CA PRO A 116 13.23 12.52 -29.67
C PRO A 116 14.20 13.69 -29.75
N ASN A 117 14.91 13.92 -28.65
CA ASN A 117 15.87 15.01 -28.60
C ASN A 117 17.27 14.53 -28.97
N ALA A 118 18.15 15.49 -29.21
CA ALA A 118 19.48 15.16 -29.73
C ALA A 118 20.27 14.30 -28.75
N ARG A 119 20.19 14.61 -27.46
CA ARG A 119 20.99 13.87 -26.47
C ARG A 119 20.58 12.41 -26.41
N ALA A 120 19.27 12.12 -26.46
CA ALA A 120 18.75 10.76 -26.28
C ALA A 120 17.83 10.43 -27.46
N ASN A 121 18.37 9.73 -28.44
CA ASN A 121 17.60 9.36 -29.61
C ASN A 121 17.28 7.87 -29.62
N LEU A 122 16.42 7.48 -30.55
CA LEU A 122 15.94 6.11 -30.65
C LEU A 122 15.82 5.72 -32.13
N THR A 123 15.12 4.63 -32.39
CA THR A 123 14.96 4.13 -33.75
C THR A 123 13.59 4.51 -34.31
N ALA A 124 13.50 4.54 -35.64
CA ALA A 124 12.21 4.81 -36.28
C ALA A 124 11.21 3.71 -35.95
N ASN A 125 11.66 2.46 -35.97
CA ASN A 125 10.79 1.35 -35.55
C ASN A 125 10.29 1.56 -34.14
N GLU A 126 11.10 2.19 -33.28
CA GLU A 126 10.63 2.53 -31.95
C GLU A 126 9.39 3.40 -31.99
N ILE A 127 9.43 4.50 -32.76
CA ILE A 127 8.26 5.37 -32.85
C ILE A 127 7.09 4.63 -33.46
N ALA A 128 7.35 3.84 -34.50
CA ALA A 128 6.26 3.10 -35.14
C ALA A 128 5.57 2.18 -34.15
N ALA A 129 6.35 1.38 -33.41
CA ALA A 129 5.78 0.44 -32.46
C ALA A 129 5.07 1.16 -31.33
N TYR A 130 5.64 2.27 -30.85
CA TYR A 130 5.00 3.01 -29.75
C TYR A 130 3.67 3.57 -30.21
N ALA A 131 3.61 4.13 -31.41
CA ALA A 131 2.36 4.67 -31.93
C ALA A 131 1.34 3.56 -32.14
N LEU A 132 1.79 2.39 -32.62
CA LEU A 132 0.89 1.25 -32.70
C LEU A 132 0.35 0.89 -31.33
N LEU A 133 1.21 0.91 -30.31
CA LEU A 133 0.81 0.61 -28.95
C LEU A 133 -0.08 1.68 -28.36
N ALA A 134 -0.10 2.87 -28.96
CA ALA A 134 -0.85 3.99 -28.41
C ALA A 134 -2.36 3.78 -28.46
N ASP A 135 -2.87 2.99 -29.41
CA ASP A 135 -4.31 2.83 -29.56
C ASP A 135 -4.81 1.45 -29.19
N ASP A 136 -3.95 0.53 -28.78
CA ASP A 136 -4.40 -0.76 -28.29
C ASP A 136 -5.14 -0.54 -26.98
N LEU A 137 -6.47 -0.66 -27.02
CA LEU A 137 -7.28 -0.37 -25.86
C LEU A 137 -8.22 -1.54 -25.62
N PRO A 138 -8.54 -1.84 -24.36
CA PRO A 138 -9.44 -2.96 -24.07
C PRO A 138 -10.82 -2.73 -24.67
N PRO A 139 -11.41 -3.77 -25.26
CA PRO A 139 -12.77 -3.62 -25.80
C PRO A 139 -13.80 -3.27 -24.74
N THR A 140 -13.62 -3.75 -23.52
CA THR A 140 -14.60 -3.47 -22.46
C THR A 140 -14.69 -1.99 -22.16
N ILE A 141 -13.62 -1.25 -22.46
CA ILE A 141 -13.64 0.20 -22.25
C ILE A 141 -14.45 0.86 -23.35
N ASN A 142 -15.37 1.73 -22.95
CA ASN A 142 -16.34 2.29 -23.90
C ASN A 142 -15.73 3.37 -24.77
N ASN A 143 -15.30 4.47 -24.15
CA ASN A 143 -14.64 5.53 -24.89
C ASN A 143 -13.15 5.26 -24.96
N GLY A 144 -12.51 5.78 -26.01
CA GLY A 144 -11.08 5.54 -26.17
C GLY A 144 -10.28 5.97 -24.96
N THR A 145 -10.73 7.01 -24.27
CA THR A 145 -10.00 7.51 -23.12
C THR A 145 -10.41 6.79 -21.85
N PRO A 146 -9.52 6.67 -20.87
CA PRO A 146 -9.92 6.12 -19.57
C PRO A 146 -10.73 7.12 -18.76
N TYR A 147 -10.69 8.39 -19.15
CA TYR A 147 -11.47 9.40 -18.45
C TYR A 147 -12.95 9.12 -18.65
N VAL A 148 -13.68 8.94 -17.55
CA VAL A 148 -15.08 8.56 -17.64
C VAL A 148 -15.89 9.65 -18.32
N HIS A 149 -15.56 10.92 -18.04
CA HIS A 149 -16.30 12.01 -18.67
C HIS A 149 -16.07 12.04 -20.17
N ALA A 150 -14.93 11.52 -20.63
CA ALA A 150 -14.63 11.31 -22.04
C ALA A 150 -14.62 12.59 -22.84
N ASP A 151 -14.39 13.74 -22.21
CA ASP A 151 -14.35 15.01 -22.90
C ASP A 151 -13.08 15.80 -22.68
N VAL A 152 -12.51 15.76 -21.47
CA VAL A 152 -11.35 16.58 -21.15
C VAL A 152 -10.11 16.17 -21.95
N GLU A 153 -9.95 14.89 -22.27
CA GLU A 153 -8.78 14.45 -23.02
C GLU A 153 -8.65 15.21 -24.33
N GLY A 154 -9.78 15.51 -24.97
CA GLY A 154 -9.74 16.37 -26.15
C GLY A 154 -9.32 17.79 -25.82
N GLN A 155 -9.81 18.32 -24.70
CA GLN A 155 -9.52 19.68 -24.31
C GLN A 155 -8.03 19.85 -24.02
N PRO A 156 -7.40 20.92 -24.47
CA PRO A 156 -5.99 21.13 -24.15
C PRO A 156 -5.84 21.96 -22.88
N CYS A 157 -4.60 22.17 -22.49
CA CYS A 157 -4.28 23.07 -21.39
C CYS A 157 -2.90 23.64 -21.62
N ASP A 158 -2.81 24.96 -21.68
CA ASP A 158 -1.55 25.66 -21.86
C ASP A 158 -1.09 26.39 -20.61
N GLU A 159 -1.84 26.28 -19.52
CA GLU A 159 -1.48 26.92 -18.26
C GLU A 159 -1.06 25.86 -17.25
N ILE A 160 0.04 26.14 -16.54
CA ILE A 160 0.64 25.15 -15.66
C ILE A 160 -0.34 24.73 -14.57
N GLU A 161 -1.20 25.65 -14.13
CA GLU A 161 -2.14 25.33 -13.07
C GLU A 161 -3.12 24.25 -13.49
N GLN A 162 -3.70 24.40 -14.68
CA GLN A 162 -4.67 23.41 -15.16
C GLN A 162 -4.01 22.04 -15.31
N PHE A 163 -2.80 22.02 -15.87
CA PHE A 163 -2.06 20.78 -15.99
C PHE A 163 -1.81 20.16 -14.62
N LEU A 164 -1.40 20.99 -13.65
CA LEU A 164 -1.11 20.46 -12.33
C LEU A 164 -2.34 19.83 -11.72
N ASP A 165 -3.49 20.48 -11.84
CA ASP A 165 -4.72 19.91 -11.31
C ASP A 165 -5.04 18.58 -11.99
N ARG A 166 -5.02 18.55 -13.31
CA ARG A 166 -5.36 17.32 -14.02
C ARG A 166 -4.40 16.19 -13.66
N CYS A 167 -3.10 16.50 -13.65
CA CYS A 167 -2.10 15.48 -13.38
C CYS A 167 -2.20 14.97 -11.96
N TYR A 168 -2.39 15.86 -10.99
CA TYR A 168 -2.57 15.41 -9.61
C TYR A 168 -3.79 14.51 -9.49
N SER A 169 -4.89 14.89 -10.13
CA SER A 169 -6.09 14.08 -10.04
C SER A 169 -5.83 12.68 -10.58
N VAL A 170 -5.21 12.59 -11.75
CA VAL A 170 -4.94 11.28 -12.34
C VAL A 170 -3.97 10.50 -11.48
N LEU A 171 -2.97 11.18 -10.91
CA LEU A 171 -1.97 10.50 -10.11
C LEU A 171 -2.59 9.88 -8.87
N ILE A 172 -3.49 10.62 -8.21
CA ILE A 172 -4.16 10.04 -7.05
C ILE A 172 -5.12 8.93 -7.47
N GLN A 173 -5.77 9.09 -8.63
CA GLN A 173 -6.53 7.99 -9.21
C GLN A 173 -5.71 6.71 -9.19
N ALA A 174 -4.50 6.78 -9.77
CA ALA A 174 -3.63 5.61 -9.77
C ALA A 174 -3.22 5.22 -8.35
N TRP A 175 -2.89 6.21 -7.53
CA TRP A 175 -2.32 5.97 -6.22
C TRP A 175 -3.25 5.15 -5.36
N VAL A 176 -4.53 5.50 -5.35
CA VAL A 176 -5.45 4.88 -4.40
C VAL A 176 -5.53 3.38 -4.62
N MET A 177 -5.27 2.92 -5.84
CA MET A 177 -5.30 1.49 -6.10
C MET A 177 -4.10 0.77 -5.51
N VAL A 178 -3.06 1.50 -5.10
CA VAL A 178 -1.87 0.84 -4.58
C VAL A 178 -2.17 0.15 -3.26
N CYS A 179 -3.03 0.76 -2.43
CA CYS A 179 -3.27 0.25 -1.09
C CYS A 179 -3.87 -1.15 -1.12
N LYS A 180 -4.39 -1.56 -2.28
CA LYS A 180 -4.87 -2.92 -2.48
C LYS A 180 -3.98 -3.72 -3.41
N CYS A 181 -2.75 -3.27 -3.65
CA CYS A 181 -1.85 -4.03 -4.51
C CYS A 181 -1.55 -5.38 -3.88
N MET A 182 -1.40 -6.40 -4.72
CA MET A 182 -1.06 -7.75 -4.31
C MET A 182 -2.05 -8.32 -3.29
N THR A 183 -3.24 -7.74 -3.18
CA THR A 183 -4.21 -8.16 -2.17
C THR A 183 -5.62 -7.90 -2.65
N ALA A 184 -6.45 -8.94 -2.63
CA ALA A 184 -7.88 -8.85 -2.94
C ALA A 184 -8.11 -8.18 -4.29
N TYR A 185 -7.22 -8.48 -5.23
CA TYR A 185 -7.34 -7.92 -6.57
C TYR A 185 -8.61 -8.42 -7.27
N ASP A 186 -8.90 -9.70 -7.14
CA ASP A 186 -10.09 -10.26 -7.77
C ASP A 186 -11.36 -9.62 -7.23
N GLN A 187 -11.33 -9.15 -5.99
CA GLN A 187 -12.45 -8.39 -5.47
C GLN A 187 -12.63 -7.12 -6.28
N PRO A 188 -13.85 -6.80 -6.69
CA PRO A 188 -14.09 -5.52 -7.37
C PRO A 188 -13.84 -4.36 -6.42
N ALA A 189 -13.94 -3.14 -6.95
CA ALA A 189 -13.60 -1.95 -6.13
C ALA A 189 -14.67 -1.72 -5.04
N GLY A 190 -14.73 -2.60 -4.05
CA GLY A 190 -15.66 -2.37 -2.93
C GLY A 190 -15.05 -1.58 -1.80
N SER A 191 -13.73 -1.40 -1.80
CA SER A 191 -13.05 -0.73 -0.65
C SER A 191 -12.54 0.67 -1.00
N ALA A 192 -11.88 0.82 -2.15
CA ALA A 192 -11.24 2.10 -2.52
C ALA A 192 -12.24 3.25 -2.68
N ASP A 193 -13.45 2.98 -3.15
CA ASP A 193 -14.38 4.09 -3.47
C ASP A 193 -14.62 4.98 -2.24
N ARG A 194 -14.82 4.38 -1.07
CA ARG A 194 -14.98 5.18 0.17
C ARG A 194 -13.78 6.10 0.31
N ARG A 195 -12.56 5.56 0.26
CA ARG A 195 -11.35 6.35 0.42
C ARG A 195 -11.18 7.35 -0.71
N PHE A 196 -11.57 6.96 -1.93
CA PHE A 196 -11.51 7.89 -3.04
C PHE A 196 -12.50 9.04 -2.86
N ALA A 197 -13.75 8.71 -2.53
CA ALA A 197 -14.77 9.75 -2.39
C ALA A 197 -14.40 10.73 -1.29
N LYS A 198 -13.69 10.26 -0.26
CA LYS A 198 -13.23 11.17 0.79
C LYS A 198 -12.38 12.28 0.21
N TYR A 199 -11.36 11.92 -0.56
CA TYR A 199 -10.52 12.94 -1.18
C TYR A 199 -11.30 13.75 -2.19
N GLN A 200 -12.25 13.12 -2.87
CA GLN A 200 -13.08 13.85 -3.83
C GLN A 200 -13.77 15.03 -3.15
N GLN A 201 -14.47 14.77 -2.06
CA GLN A 201 -15.17 15.86 -1.39
C GLN A 201 -14.22 16.67 -0.52
N GLN A 202 -12.98 16.20 -0.37
CA GLN A 202 -11.92 17.07 0.14
C GLN A 202 -11.55 18.14 -0.85
N GLY A 203 -12.03 18.05 -2.09
CA GLY A 203 -11.68 18.98 -3.13
C GLY A 203 -10.30 18.82 -3.70
N ARG A 204 -9.38 18.18 -2.98
CA ARG A 204 -8.04 17.94 -3.49
C ARG A 204 -8.04 16.92 -4.61
N LEU A 205 -9.16 16.24 -4.83
CA LEU A 205 -9.40 15.43 -6.01
C LEU A 205 -10.51 16.06 -6.84
N GLU A 206 -10.55 15.68 -8.12
CA GLU A 206 -11.58 16.18 -9.02
C GLU A 206 -12.32 15.02 -9.66
N ALA A 207 -13.64 14.99 -9.48
CA ALA A 207 -14.46 13.96 -10.12
C ALA A 207 -14.65 14.23 -11.60
N ARG A 208 -14.53 15.49 -12.03
CA ARG A 208 -14.66 15.82 -13.44
C ARG A 208 -13.59 15.13 -14.28
N TYR A 209 -12.49 14.74 -13.66
CA TYR A 209 -11.45 13.94 -14.31
C TYR A 209 -11.28 12.68 -13.47
N MET A 210 -11.96 11.61 -13.86
CA MET A 210 -11.94 10.38 -13.09
C MET A 210 -11.68 9.23 -14.06
N LEU A 211 -11.45 8.04 -13.51
CA LEU A 211 -10.98 6.91 -14.29
C LEU A 211 -12.00 5.79 -14.29
N GLN A 212 -12.15 5.12 -15.43
CA GLN A 212 -13.06 4.00 -15.53
C GLN A 212 -12.53 2.80 -14.74
N PRO A 213 -13.42 1.96 -14.22
CA PRO A 213 -12.97 0.82 -13.41
C PRO A 213 -12.04 -0.13 -14.16
N GLU A 214 -12.26 -0.35 -15.45
CA GLU A 214 -11.38 -1.25 -16.19
C GLU A 214 -9.94 -0.75 -16.19
N ALA A 215 -9.76 0.55 -16.42
CA ALA A 215 -8.41 1.12 -16.33
C ALA A 215 -7.87 0.99 -14.92
N GLN A 216 -8.74 1.14 -13.91
CA GLN A 216 -8.30 0.95 -12.54
C GLN A 216 -7.73 -0.44 -12.33
N ARG A 217 -8.45 -1.46 -12.79
CA ARG A 217 -8.00 -2.82 -12.59
C ARG A 217 -6.76 -3.13 -13.43
N LEU A 218 -6.66 -2.52 -14.60
CA LEU A 218 -5.43 -2.66 -15.38
C LEU A 218 -4.24 -2.07 -14.64
N ILE A 219 -4.43 -0.91 -14.00
CA ILE A 219 -3.37 -0.33 -13.21
C ILE A 219 -3.01 -1.25 -12.05
N GLN A 220 -4.02 -1.82 -11.41
CA GLN A 220 -3.79 -2.82 -10.38
C GLN A 220 -2.88 -3.93 -10.90
N THR A 221 -3.22 -4.47 -12.07
CA THR A 221 -2.45 -5.55 -12.65
C THR A 221 -1.01 -5.13 -12.91
N ALA A 222 -0.84 -3.95 -13.49
CA ALA A 222 0.50 -3.47 -13.82
C ALA A 222 1.33 -3.27 -12.57
N ILE A 223 0.71 -2.73 -11.51
CA ILE A 223 1.42 -2.53 -10.26
C ILE A 223 1.89 -3.86 -9.71
N ARG A 224 1.03 -4.88 -9.75
CA ARG A 224 1.45 -6.17 -9.23
C ARG A 224 2.57 -6.78 -10.06
N LYS A 225 2.46 -6.71 -11.39
CA LYS A 225 3.36 -7.48 -12.25
C LYS A 225 4.77 -6.91 -12.28
N SER A 226 4.93 -5.63 -11.98
CA SER A 226 6.20 -4.93 -12.21
C SER A 226 6.80 -4.51 -10.87
N LEU A 227 7.95 -5.11 -10.52
CA LEU A 227 8.57 -4.80 -9.25
C LEU A 227 9.19 -3.43 -9.24
N VAL A 228 9.59 -2.92 -10.42
CA VAL A 228 10.28 -1.64 -10.48
C VAL A 228 9.40 -0.54 -9.93
N VAL A 229 8.14 -0.50 -10.36
CA VAL A 229 7.21 0.49 -9.85
C VAL A 229 7.02 0.32 -8.36
N ARG A 230 7.07 -0.92 -7.88
CA ARG A 230 6.94 -1.16 -6.45
C ARG A 230 8.08 -0.50 -5.68
N GLN A 231 9.31 -0.69 -6.15
CA GLN A 231 10.45 -0.06 -5.50
C GLN A 231 10.31 1.45 -5.54
N TYR A 232 9.89 1.98 -6.69
CA TYR A 232 9.73 3.43 -6.82
C TYR A 232 8.69 3.95 -5.84
N LEU A 233 7.57 3.25 -5.73
CA LEU A 233 6.53 3.68 -4.80
C LEU A 233 7.03 3.63 -3.38
N THR A 234 7.88 2.65 -3.07
CA THR A 234 8.47 2.59 -1.71
C THR A 234 9.23 3.89 -1.43
N PHE A 235 10.20 4.21 -2.28
CA PHE A 235 11.06 5.39 -1.97
C PHE A 235 10.18 6.64 -1.92
N GLU A 236 9.27 6.76 -2.87
CA GLU A 236 8.37 7.94 -2.89
C GLU A 236 7.71 8.04 -1.53
N LEU A 237 7.22 6.91 -1.01
CA LEU A 237 6.48 6.99 0.25
C LEU A 237 7.42 7.20 1.42
N GLN A 238 8.59 6.56 1.38
CA GLN A 238 9.55 6.75 2.45
C GLN A 238 10.00 8.20 2.52
N LEU A 239 10.23 8.81 1.35
CA LEU A 239 10.56 10.23 1.33
C LEU A 239 9.40 11.05 1.86
N ALA A 240 8.18 10.69 1.49
CA ALA A 240 7.02 11.46 1.91
C ALA A 240 6.89 11.47 3.42
N ARG A 241 7.10 10.32 4.06
CA ARG A 241 6.91 10.25 5.49
C ARG A 241 7.87 11.17 6.24
N ARG A 242 9.13 11.20 5.81
CA ARG A 242 10.12 12.00 6.51
C ARG A 242 9.84 13.50 6.42
N GLN A 243 8.80 13.90 5.70
CA GLN A 243 8.58 15.30 5.45
C GLN A 243 7.96 16.00 6.65
N GLY A 244 8.09 17.32 6.68
CA GLY A 244 7.50 18.14 7.72
C GLY A 244 6.10 18.60 7.36
N LEU A 245 5.60 19.56 8.16
CA LEU A 245 4.25 20.07 7.95
C LEU A 245 4.13 20.76 6.59
N LEU A 246 4.86 21.85 6.41
CA LEU A 246 4.80 22.60 5.17
C LEU A 246 5.33 21.72 4.04
N SER A 247 4.58 21.65 2.94
CA SER A 247 4.96 20.79 1.83
C SER A 247 4.14 21.18 0.62
N ASN A 248 4.53 20.65 -0.54
CA ASN A 248 3.77 20.88 -1.75
C ASN A 248 2.49 20.06 -1.73
N ARG A 249 1.62 20.36 -2.69
CA ARG A 249 0.35 19.63 -2.80
C ARG A 249 0.59 18.14 -2.97
N TYR A 250 1.43 17.78 -3.94
CA TYR A 250 1.51 16.40 -4.38
C TYR A 250 2.06 15.49 -3.30
N TYR A 251 3.18 15.87 -2.70
CA TYR A 251 3.75 15.03 -1.65
C TYR A 251 2.84 14.99 -0.43
N ALA A 252 2.12 16.09 -0.16
CA ALA A 252 1.18 16.09 0.95
C ALA A 252 0.10 15.05 0.74
N MET A 253 -0.51 15.03 -0.45
CA MET A 253 -1.51 14.02 -0.75
C MET A 253 -0.91 12.62 -0.66
N VAL A 254 0.30 12.46 -1.20
CA VAL A 254 0.90 11.13 -1.19
C VAL A 254 1.07 10.62 0.23
N GLY A 255 1.61 11.46 1.11
CA GLY A 255 1.76 11.05 2.50
C GLY A 255 0.43 10.77 3.16
N ASP A 256 -0.56 11.62 2.89
CA ASP A 256 -1.86 11.49 3.54
C ASP A 256 -2.48 10.14 3.20
N ILE A 257 -2.42 9.74 1.93
CA ILE A 257 -2.93 8.42 1.58
C ILE A 257 -2.00 7.31 2.06
N GLY A 258 -0.68 7.55 2.05
CA GLY A 258 0.24 6.49 2.42
C GLY A 258 0.12 6.08 3.86
N LYS A 259 -0.33 7.00 4.72
CA LYS A 259 -0.54 6.67 6.13
C LYS A 259 -1.19 5.30 6.28
N TYR A 260 -2.39 5.13 5.77
CA TYR A 260 -2.99 3.80 5.80
C TYR A 260 -2.70 2.98 4.56
N ILE A 261 -1.96 3.51 3.59
CA ILE A 261 -1.40 2.60 2.59
C ILE A 261 -0.36 1.69 3.24
N GLU A 262 0.37 2.22 4.22
CA GLU A 262 1.56 1.52 4.71
C GLU A 262 1.25 0.10 5.15
N ASN A 263 0.52 -0.06 6.24
CA ASN A 263 0.34 -1.38 6.83
C ASN A 263 -0.67 -2.20 6.04
N SER A 264 -0.40 -2.32 4.75
CA SER A 264 -1.28 -3.09 3.87
C SER A 264 -1.20 -4.58 4.19
N GLY A 265 -0.06 -5.03 4.68
CA GLY A 265 0.09 -6.38 5.16
C GLY A 265 0.21 -6.39 6.67
N LEU A 266 0.61 -7.52 7.24
CA LEU A 266 0.72 -7.67 8.69
C LEU A 266 -0.62 -7.50 9.39
N THR A 267 -1.69 -7.38 8.61
CA THR A 267 -3.00 -7.10 9.18
C THR A 267 -3.34 -8.13 10.25
N ALA A 268 -3.09 -9.40 9.94
CA ALA A 268 -3.22 -10.42 10.96
C ALA A 268 -2.36 -10.08 12.17
N PHE A 269 -1.10 -9.74 11.93
CA PHE A 269 -0.20 -9.48 13.07
C PHE A 269 -0.64 -8.28 13.86
N PHE A 270 -0.90 -7.15 13.20
CA PHE A 270 -1.26 -5.94 13.93
C PHE A 270 -2.56 -6.12 14.69
N LEU A 271 -3.57 -6.68 14.02
CA LEU A 271 -4.84 -6.89 14.68
C LEU A 271 -4.67 -7.81 15.88
N THR A 272 -3.93 -8.90 15.70
CA THR A 272 -3.70 -9.83 16.81
C THR A 272 -3.02 -9.14 17.96
N LEU A 273 -1.88 -8.49 17.69
CA LEU A 273 -1.11 -7.87 18.76
C LEU A 273 -1.95 -6.86 19.51
N LYS A 274 -2.56 -5.93 18.78
CA LYS A 274 -3.41 -4.93 19.41
C LYS A 274 -4.49 -5.58 20.26
N TYR A 275 -5.37 -6.34 19.61
CA TYR A 275 -6.57 -6.81 20.29
C TYR A 275 -6.24 -7.71 21.47
N ALA A 276 -5.31 -8.64 21.30
CA ALA A 276 -4.98 -9.54 22.39
C ALA A 276 -4.16 -8.84 23.47
N LEU A 277 -2.95 -8.39 23.12
CA LEU A 277 -2.05 -7.93 24.17
C LEU A 277 -2.53 -6.63 24.79
N GLY A 278 -3.49 -5.95 24.17
CA GLY A 278 -4.07 -4.79 24.81
C GLY A 278 -5.23 -5.15 25.71
N THR A 279 -6.22 -5.86 25.18
CA THR A 279 -7.47 -6.13 25.88
C THR A 279 -7.34 -7.36 26.77
N LYS A 280 -6.43 -7.26 27.72
CA LYS A 280 -5.98 -8.37 28.56
C LYS A 280 -6.93 -8.53 29.75
N TRP A 281 -8.09 -9.13 29.53
CA TRP A 281 -8.96 -9.23 30.70
C TRP A 281 -8.66 -10.46 31.55
N SER A 282 -9.15 -11.63 31.13
CA SER A 282 -8.93 -12.86 31.87
C SER A 282 -7.74 -13.70 31.42
N PRO A 283 -7.63 -14.05 30.14
CA PRO A 283 -6.89 -15.27 29.80
C PRO A 283 -5.42 -15.07 29.51
N LEU A 284 -4.98 -13.84 29.25
CA LEU A 284 -3.62 -13.63 28.76
C LEU A 284 -2.60 -14.31 29.66
N SER A 285 -2.79 -14.20 30.97
CA SER A 285 -1.99 -14.97 31.92
C SER A 285 -2.62 -16.36 32.01
N LEU A 286 -2.04 -17.31 31.28
CA LEU A 286 -2.48 -18.69 31.33
C LEU A 286 -1.35 -19.70 31.48
N ALA A 287 -0.10 -19.27 31.37
CA ALA A 287 1.08 -20.13 31.40
C ALA A 287 1.11 -21.13 30.26
N ALA A 288 0.12 -21.09 29.38
CA ALA A 288 0.13 -21.88 28.16
C ALA A 288 0.30 -21.03 26.92
N PHE A 289 0.25 -19.71 27.05
CA PHE A 289 0.51 -18.80 25.95
C PHE A 289 1.95 -18.31 25.92
N THR A 290 2.79 -18.78 26.83
CA THR A 290 4.17 -18.31 26.91
C THR A 290 4.95 -18.70 25.65
N GLY A 291 4.75 -19.93 25.19
CA GLY A 291 5.48 -20.41 24.03
C GLY A 291 5.22 -19.58 22.78
N GLU A 292 4.10 -18.86 22.76
CA GLU A 292 3.82 -17.93 21.68
C GLU A 292 4.09 -16.48 22.06
N LEU A 293 4.06 -16.15 23.36
CA LEU A 293 4.38 -14.79 23.78
C LEU A 293 5.85 -14.48 23.55
N THR A 294 6.73 -15.46 23.75
CA THR A 294 8.13 -15.26 23.40
C THR A 294 8.27 -14.96 21.92
N LYS A 295 7.58 -15.73 21.08
CA LYS A 295 7.59 -15.48 19.64
C LYS A 295 7.09 -14.08 19.33
N LEU A 296 6.03 -13.65 20.02
CA LEU A 296 5.47 -12.34 19.77
C LEU A 296 6.46 -11.24 20.13
N ARG A 297 7.12 -11.38 21.27
CA ARG A 297 8.11 -10.38 21.67
C ARG A 297 9.25 -10.32 20.66
N SER A 298 9.75 -11.48 20.25
CA SER A 298 10.79 -11.52 19.24
C SER A 298 10.32 -10.85 17.95
N LEU A 299 9.06 -11.07 17.59
CA LEU A 299 8.53 -10.48 16.37
C LEU A 299 8.48 -8.96 16.49
N MET A 300 8.11 -8.46 17.66
CA MET A 300 8.12 -7.02 17.88
C MET A 300 9.53 -6.47 17.72
N MET A 301 10.51 -7.16 18.29
CA MET A 301 11.89 -6.72 18.12
C MET A 301 12.28 -6.72 16.65
N LEU A 302 11.87 -7.75 15.91
CA LEU A 302 12.12 -7.76 14.47
C LEU A 302 11.57 -6.52 13.80
N TYR A 303 10.29 -6.22 14.07
CA TYR A 303 9.64 -5.13 13.37
C TYR A 303 10.30 -3.80 13.72
N ARG A 304 10.72 -3.64 14.98
CA ARG A 304 11.45 -2.43 15.34
C ARG A 304 12.78 -2.34 14.63
N ASP A 305 13.50 -3.46 14.53
CA ASP A 305 14.88 -3.43 14.05
C ASP A 305 15.01 -3.80 12.59
N ILE A 306 13.90 -3.96 11.86
CA ILE A 306 13.99 -4.09 10.42
C ILE A 306 14.58 -2.86 9.77
N GLY A 307 14.28 -1.68 10.29
CA GLY A 307 14.74 -0.44 9.74
C GLY A 307 13.65 0.54 9.37
N GLU A 308 12.49 0.45 10.02
CA GLU A 308 11.28 1.24 9.87
C GLU A 308 10.65 1.03 8.50
N GLN A 309 11.28 0.28 7.61
CA GLN A 309 10.67 -0.01 6.33
C GLN A 309 9.67 -1.13 6.42
N ALA A 310 9.60 -1.80 7.58
CA ALA A 310 8.68 -2.93 7.73
C ALA A 310 7.25 -2.53 7.47
N ARG A 311 6.94 -1.24 7.58
CA ARG A 311 5.59 -0.74 7.34
C ARG A 311 5.21 -0.94 5.88
N TYR A 312 6.09 -1.58 5.10
CA TYR A 312 5.84 -1.81 3.69
C TYR A 312 6.25 -3.22 3.29
N LEU A 313 6.28 -4.15 4.25
CA LEU A 313 6.80 -5.48 3.97
C LEU A 313 5.93 -6.20 2.94
N ALA A 314 4.61 -6.12 3.08
CA ALA A 314 3.75 -6.73 2.08
C ALA A 314 3.91 -6.08 0.72
N LEU A 315 3.94 -4.74 0.70
CA LEU A 315 4.06 -4.03 -0.56
C LEU A 315 5.36 -4.37 -1.26
N LEU A 316 6.41 -4.65 -0.49
CA LEU A 316 7.71 -5.08 -1.02
C LEU A 316 7.85 -6.56 -0.70
N GLU A 317 7.32 -7.40 -1.57
CA GLU A 317 7.28 -8.83 -1.29
C GLU A 317 8.67 -9.33 -0.93
N ALA A 318 8.82 -9.77 0.32
CA ALA A 318 10.10 -10.12 0.90
C ALA A 318 9.92 -11.34 1.78
N PRO A 319 10.98 -12.09 2.04
CA PRO A 319 10.84 -13.28 2.89
C PRO A 319 10.39 -12.96 4.31
N GLN A 320 10.52 -11.71 4.75
CA GLN A 320 10.22 -11.39 6.14
C GLN A 320 8.77 -11.67 6.49
N ILE A 321 7.86 -11.61 5.52
CA ILE A 321 6.47 -11.94 5.79
C ILE A 321 6.35 -13.36 6.31
N MET A 322 7.13 -14.28 5.75
CA MET A 322 7.08 -15.67 6.18
C MET A 322 7.42 -15.80 7.65
N ASP A 323 8.27 -14.91 8.17
CA ASP A 323 8.51 -14.85 9.61
C ASP A 323 7.35 -14.18 10.32
N PHE A 324 6.76 -13.16 9.70
CA PHE A 324 5.63 -12.44 10.30
C PHE A 324 4.33 -13.20 10.02
N ALA A 325 4.36 -14.49 10.34
CA ALA A 325 3.28 -15.37 9.94
C ALA A 325 2.44 -15.78 11.14
N PRO A 326 1.11 -15.68 11.02
CA PRO A 326 0.25 -16.16 12.11
C PRO A 326 0.48 -17.63 12.41
N GLY A 327 0.81 -18.43 11.40
CA GLY A 327 1.05 -19.84 11.63
C GLY A 327 2.16 -20.08 12.64
N GLY A 328 3.07 -19.13 12.78
CA GLY A 328 4.08 -19.24 13.82
C GLY A 328 3.47 -19.24 15.20
N TYR A 329 2.36 -18.54 15.37
CA TYR A 329 1.73 -18.38 16.69
C TYR A 329 0.24 -18.67 16.61
N PRO A 330 -0.13 -19.92 16.29
CA PRO A 330 -1.55 -20.20 16.04
C PRO A 330 -2.47 -19.90 17.21
N LEU A 331 -2.03 -20.15 18.44
CA LEU A 331 -2.96 -20.15 19.57
C LEU A 331 -3.35 -18.72 19.96
N ILE A 332 -2.37 -17.85 20.14
CA ILE A 332 -2.68 -16.46 20.41
C ILE A 332 -3.46 -15.87 19.24
N PHE A 333 -3.20 -16.35 18.03
CA PHE A 333 -4.01 -15.93 16.90
C PHE A 333 -5.47 -16.32 17.09
N SER A 334 -5.72 -17.55 17.52
CA SER A 334 -7.09 -17.98 17.78
C SER A 334 -7.74 -17.06 18.80
N TYR A 335 -7.03 -16.79 19.89
CA TYR A 335 -7.60 -15.95 20.95
C TYR A 335 -7.92 -14.56 20.45
N ALA A 336 -7.01 -13.97 19.68
CA ALA A 336 -7.22 -12.62 19.19
C ALA A 336 -8.35 -12.56 18.18
N MET A 337 -8.44 -13.56 17.32
CA MET A 337 -9.57 -13.62 16.41
C MET A 337 -10.86 -13.72 17.19
N GLY A 338 -10.84 -14.47 18.29
CA GLY A 338 -12.03 -14.57 19.12
C GLY A 338 -12.45 -13.24 19.71
N VAL A 339 -11.49 -12.48 20.24
CA VAL A 339 -11.85 -11.20 20.81
C VAL A 339 -12.31 -10.23 19.72
N GLY A 340 -11.68 -10.29 18.55
CA GLY A 340 -12.02 -9.37 17.49
C GLY A 340 -13.40 -9.62 16.91
N THR A 341 -13.77 -10.89 16.75
CA THR A 341 -15.07 -11.20 16.18
C THR A 341 -16.20 -10.74 17.09
N VAL A 342 -15.88 -10.39 18.33
CA VAL A 342 -16.89 -9.90 19.26
C VAL A 342 -16.86 -8.39 19.32
N LEU A 343 -15.67 -7.80 19.49
CA LEU A 343 -15.61 -6.37 19.78
C LEU A 343 -15.99 -5.53 18.56
N ASP A 344 -15.25 -5.66 17.47
CA ASP A 344 -15.58 -4.88 16.29
C ASP A 344 -16.79 -5.49 15.58
N ALA A 345 -17.40 -4.70 14.72
CA ALA A 345 -18.45 -5.17 13.82
C ALA A 345 -17.92 -5.42 12.41
N GLN A 346 -17.05 -4.56 11.92
CA GLN A 346 -16.47 -4.75 10.59
C GLN A 346 -15.55 -5.96 10.53
N MET A 347 -14.87 -6.29 11.63
CA MET A 347 -13.94 -7.41 11.59
C MET A 347 -14.66 -8.70 11.28
N ARG A 348 -15.96 -8.76 11.58
CA ARG A 348 -16.77 -9.91 11.19
C ARG A 348 -16.67 -10.15 9.69
N ASN A 349 -16.47 -9.10 8.91
CA ASN A 349 -16.35 -9.26 7.47
C ASN A 349 -14.98 -9.76 7.06
N TYR A 350 -14.03 -9.87 7.99
CA TYR A 350 -12.67 -10.28 7.67
C TYR A 350 -12.56 -11.81 7.59
N THR A 351 -11.58 -12.27 6.82
CA THR A 351 -11.39 -13.70 6.62
C THR A 351 -10.27 -14.22 7.52
N TYR A 352 -10.55 -15.33 8.20
CA TYR A 352 -9.63 -15.92 9.18
C TYR A 352 -9.60 -17.43 8.96
N ALA A 353 -9.51 -17.86 7.70
CA ALA A 353 -9.70 -19.25 7.35
C ALA A 353 -8.42 -20.07 7.41
N ARG A 354 -7.45 -19.67 8.22
CA ARG A 354 -6.23 -20.45 8.35
C ARG A 354 -6.55 -21.83 8.91
N PRO A 355 -6.16 -22.91 8.22
CA PRO A 355 -6.56 -24.25 8.67
C PRO A 355 -6.04 -24.62 10.05
N PHE A 356 -4.92 -24.04 10.47
CA PHE A 356 -4.29 -24.45 11.72
C PHE A 356 -5.02 -23.87 12.92
N LEU A 357 -6.02 -23.02 12.66
CA LEU A 357 -6.73 -22.35 13.74
C LEU A 357 -7.37 -23.36 14.69
N ASN A 358 -7.13 -23.17 15.98
CA ASN A 358 -7.68 -24.05 17.00
C ASN A 358 -9.05 -23.52 17.42
N GLY A 359 -10.11 -24.26 17.08
CA GLY A 359 -11.45 -23.81 17.42
C GLY A 359 -11.65 -23.67 18.91
N TYR A 360 -10.96 -24.51 19.70
CA TYR A 360 -11.11 -24.45 21.16
C TYR A 360 -10.71 -23.10 21.69
N TYR A 361 -9.49 -22.64 21.36
CA TYR A 361 -9.06 -21.34 21.83
C TYR A 361 -9.88 -20.23 21.19
N PHE A 362 -10.38 -20.44 19.98
CA PHE A 362 -11.26 -19.45 19.38
C PHE A 362 -12.51 -19.24 20.22
N GLN A 363 -13.13 -20.34 20.63
CA GLN A 363 -14.33 -20.23 21.45
C GLN A 363 -13.98 -19.70 22.83
N ILE A 364 -12.80 -20.04 23.34
CA ILE A 364 -12.32 -19.44 24.57
C ILE A 364 -12.32 -17.92 24.44
N GLY A 365 -11.75 -17.42 23.36
CA GLY A 365 -11.70 -15.99 23.15
C GLY A 365 -13.08 -15.37 23.06
N VAL A 366 -13.98 -16.02 22.32
CA VAL A 366 -15.32 -15.47 22.16
C VAL A 366 -16.03 -15.37 23.51
N GLU A 367 -15.97 -16.45 24.29
CA GLU A 367 -16.63 -16.44 25.59
C GLU A 367 -15.98 -15.44 26.53
N THR A 368 -14.66 -15.32 26.50
CA THR A 368 -14.01 -14.33 27.35
C THR A 368 -14.45 -12.92 26.98
N ALA A 369 -14.57 -12.64 25.68
CA ALA A 369 -15.02 -11.32 25.27
C ALA A 369 -16.44 -11.05 25.75
N ARG A 370 -17.32 -12.04 25.61
CA ARG A 370 -18.71 -11.78 26.00
C ARG A 370 -18.93 -11.92 27.50
N ARG A 371 -17.93 -12.37 28.26
CA ARG A 371 -18.05 -12.49 29.71
C ARG A 371 -17.32 -11.40 30.47
N GLN A 372 -16.03 -11.22 30.20
CA GLN A 372 -15.18 -10.30 30.95
C GLN A 372 -15.48 -8.84 30.65
N GLN A 373 -16.49 -8.53 29.85
CA GLN A 373 -16.83 -7.15 29.59
C GLN A 373 -17.14 -6.45 30.90
N GLY A 374 -16.25 -5.57 31.32
CA GLY A 374 -16.44 -4.87 32.58
C GLY A 374 -15.64 -5.40 33.75
N THR A 375 -14.56 -6.16 33.50
CA THR A 375 -13.67 -6.59 34.57
C THR A 375 -12.81 -5.40 34.99
N VAL A 376 -13.37 -4.61 35.92
CA VAL A 376 -12.78 -3.32 36.25
C VAL A 376 -11.45 -3.49 36.99
N ASP A 377 -11.42 -4.35 38.00
CA ASP A 377 -10.38 -4.31 39.02
C ASP A 377 -8.97 -4.39 38.46
N ASN A 378 -8.23 -3.30 38.62
CA ASN A 378 -6.82 -3.23 38.29
C ASN A 378 -6.14 -2.31 39.28
N ARG A 379 -4.85 -2.52 39.48
CA ARG A 379 -4.06 -1.52 40.19
C ARG A 379 -4.06 -0.21 39.41
N VAL A 380 -4.20 -0.29 38.09
CA VAL A 380 -4.44 0.90 37.29
C VAL A 380 -5.82 1.47 37.59
N ALA A 381 -6.80 0.59 37.81
CA ALA A 381 -8.15 1.05 38.08
C ALA A 381 -8.20 1.91 39.33
N ASP A 382 -7.40 1.57 40.34
CA ASP A 382 -7.41 2.31 41.59
C ASP A 382 -6.86 3.73 41.46
N ASP A 383 -6.22 4.06 40.32
CA ASP A 383 -5.83 5.44 40.09
C ASP A 383 -7.03 6.37 40.15
N LEU A 384 -8.17 5.95 39.61
CA LEU A 384 -9.38 6.75 39.73
C LEU A 384 -9.85 6.79 41.18
N GLY A 385 -9.60 5.71 41.93
CA GLY A 385 -9.93 5.65 43.34
C GLY A 385 -11.31 5.13 43.67
N LEU A 386 -12.01 4.54 42.70
CA LEU A 386 -13.36 4.05 42.94
C LEU A 386 -13.36 2.94 43.98
N THR A 387 -14.40 2.93 44.81
CA THR A 387 -14.59 1.91 45.84
C THR A 387 -15.17 0.65 45.24
N PRO A 388 -14.98 -0.50 45.91
CA PRO A 388 -15.52 -1.76 45.37
C PRO A 388 -17.02 -1.72 45.16
N GLU A 389 -17.75 -0.99 46.00
CA GLU A 389 -19.17 -0.80 45.75
C GLU A 389 -19.39 -0.14 44.39
N GLN A 390 -18.55 0.84 44.05
CA GLN A 390 -18.64 1.45 42.74
C GLN A 390 -18.30 0.45 41.64
N ARG A 391 -17.33 -0.43 41.90
CA ARG A 391 -16.99 -1.45 40.91
C ARG A 391 -18.19 -2.35 40.63
N THR A 392 -18.86 -2.78 41.69
CA THR A 392 -20.06 -3.59 41.51
C THR A 392 -21.14 -2.81 40.77
N GLU A 393 -21.28 -1.53 41.08
CA GLU A 393 -22.24 -0.71 40.36
C GLU A 393 -21.93 -0.69 38.87
N VAL A 394 -20.65 -0.51 38.52
CA VAL A 394 -20.26 -0.45 37.12
C VAL A 394 -20.56 -1.77 36.43
N THR A 395 -20.17 -2.88 37.06
CA THR A 395 -20.39 -4.18 36.44
C THR A 395 -21.89 -4.43 36.24
N GLN A 396 -22.69 -4.09 37.25
CA GLN A 396 -24.14 -4.26 37.13
C GLN A 396 -24.70 -3.40 36.02
N LEU A 397 -24.20 -2.17 35.90
CA LEU A 397 -24.67 -1.28 34.84
C LEU A 397 -24.34 -1.85 33.47
N VAL A 398 -23.15 -2.43 33.32
CA VAL A 398 -22.82 -3.11 32.08
C VAL A 398 -23.79 -4.26 31.84
N ASP A 399 -24.12 -5.00 32.90
CA ASP A 399 -25.05 -6.12 32.76
C ASP A 399 -26.42 -5.64 32.29
N ARG A 400 -26.85 -4.46 32.75
CA ARG A 400 -28.15 -3.96 32.32
C ARG A 400 -28.23 -3.82 30.81
N LEU A 401 -27.21 -3.23 30.20
CA LEU A 401 -27.16 -3.11 28.76
C LEU A 401 -26.58 -4.35 28.08
N ALA A 402 -26.15 -5.34 28.86
CA ALA A 402 -25.70 -6.59 28.26
C ALA A 402 -26.83 -7.28 27.51
N ARG A 403 -28.08 -6.97 27.86
CA ARG A 403 -29.20 -7.46 27.09
C ARG A 403 -29.21 -6.85 25.70
N GLY A 404 -29.82 -7.55 24.75
CA GLY A 404 -29.77 -7.18 23.37
C GLY A 404 -28.78 -7.97 22.54
N ARG A 405 -28.27 -9.08 23.06
CA ARG A 405 -27.31 -9.92 22.36
C ARG A 405 -27.84 -10.44 21.04
#